data_5K9J
#
_entry.id   5K9J
#
_cell.length_a   78.790
_cell.length_b   103.758
_cell.length_c   59.983
_cell.angle_alpha   90.00
_cell.angle_beta   90.00
_cell.angle_gamma   90.00
#
_symmetry.space_group_name_H-M   'P 21 21 2'
#
loop_
_entity.id
_entity.type
_entity.pdbx_description
1 polymer '56.a.09 heavy chain'
2 polymer '56.a.09 light chain'
3 non-polymer 'POLYETHYLENE GLYCOL (N=34)'
4 water water
#
loop_
_entity_poly.entity_id
_entity_poly.type
_entity_poly.pdbx_seq_one_letter_code
_entity_poly.pdbx_strand_id
1 'polypeptide(L)'
;QVQLQQSGPGLVKPSQTLSLTCVISGDTVSSNRAAWNWIRQSPSRGLEWLGRTYYRSKWYTDYAVSVKSRITITPDTSKN
QFSLQMKSVTPEDTAVYYCARGSAMIFGIVIILESWGQGTLVTVSSASTKGPSVFPLAPSSKSTSGGTAALGCLVKDYFP
EPVTVSWNSGALTSGVHTFPAVLQSSGLYSLSSVVTVPSSSLGTQTYICNVNHKPSNTKVDKKVEPKS
;
H
2 'polypeptide(L)'
;EIVLTQSPGTLSLSPGERATLSCRASQSVASSYLAWYQQKPGQAPRLLIYGASSRATGVPDRFSGSGSGTDFILTISRLE
PEDFAVYYCQQYDGSQYTFGQGTKLEIKRTVAAPSVFIFPPSDEQLKSGTASVVCLLNNFYPREAKVQWKVDNALQSGNS
QESVTEQDSKDSTYSLSSTLTLSKADYEKHKVYACEVTHQGLSSPVTKSFNR
;
L
#
# COMPACT_ATOMS: atom_id res chain seq x y z
N GLN A 1 13.52 22.53 -1.60
CA GLN A 1 12.52 21.81 -2.38
C GLN A 1 13.16 20.68 -3.19
N VAL A 2 13.67 19.67 -2.51
CA VAL A 2 14.28 18.53 -3.16
C VAL A 2 13.20 17.55 -3.59
N GLN A 3 13.34 17.01 -4.80
CA GLN A 3 12.38 16.05 -5.36
C GLN A 3 13.17 14.85 -5.87
N LEU A 4 12.87 13.67 -5.32
CA LEU A 4 13.58 12.43 -5.66
C LEU A 4 12.68 11.58 -6.55
N GLN A 5 13.12 11.31 -7.77
CA GLN A 5 12.36 10.49 -8.71
C GLN A 5 13.06 9.15 -8.92
N GLN A 6 12.38 8.06 -8.57
CA GLN A 6 12.92 6.71 -8.67
C GLN A 6 12.45 6.04 -9.95
N SER A 7 13.24 5.08 -10.43
CA SER A 7 12.85 4.29 -11.58
C SER A 7 11.57 3.50 -11.28
N GLY A 8 10.98 2.94 -12.34
CA GLY A 8 9.70 2.29 -12.23
C GLY A 8 9.74 0.92 -11.60
N PRO A 9 8.57 0.36 -11.30
CA PRO A 9 8.53 -0.98 -10.71
C PRO A 9 9.15 -2.00 -11.65
N GLY A 10 9.85 -2.97 -11.07
CA GLY A 10 10.69 -3.84 -11.85
C GLY A 10 10.61 -5.28 -11.37
N LEU A 11 11.03 -6.15 -12.27
CA LEU A 11 11.13 -7.57 -12.03
C LEU A 11 12.59 -7.97 -12.20
N VAL A 12 13.12 -8.71 -11.23
CA VAL A 12 14.51 -9.17 -11.29
C VAL A 12 14.52 -10.67 -11.04
N LYS A 13 15.23 -11.41 -11.88
CA LYS A 13 15.28 -12.85 -11.71
C LYS A 13 16.16 -13.23 -10.52
N PRO A 14 15.80 -14.29 -9.81
CA PRO A 14 16.65 -14.76 -8.69
C PRO A 14 18.07 -14.97 -9.15
N SER A 15 19.02 -14.59 -8.28
CA SER A 15 20.47 -14.68 -8.45
C SER A 15 21.02 -13.61 -9.40
N GLN A 16 20.18 -12.75 -9.98
CA GLN A 16 20.68 -11.67 -10.81
C GLN A 16 20.75 -10.38 -9.99
N THR A 17 21.07 -9.28 -10.68
CA THR A 17 21.44 -8.03 -10.01
C THR A 17 20.30 -7.02 -10.07
N LEU A 18 19.86 -6.56 -8.91
CA LEU A 18 18.90 -5.47 -8.82
C LEU A 18 19.59 -4.15 -9.13
N SER A 19 18.92 -3.28 -9.87
CA SER A 19 19.44 -1.98 -10.25
C SER A 19 18.32 -0.94 -10.15
N LEU A 20 18.54 0.11 -9.37
CA LEU A 20 17.60 1.22 -9.23
C LEU A 20 18.34 2.54 -9.23
N THR A 21 17.67 3.58 -9.73
CA THR A 21 18.27 4.92 -9.84
C THR A 21 17.33 5.96 -9.26
N CYS A 22 17.92 6.93 -8.56
CA CYS A 22 17.21 8.04 -7.93
C CYS A 22 17.74 9.34 -8.55
N VAL A 23 16.86 10.08 -9.21
CA VAL A 23 17.25 11.34 -9.85
C VAL A 23 16.83 12.48 -8.93
N ILE A 24 17.75 13.40 -8.67
CA ILE A 24 17.59 14.44 -7.66
C ILE A 24 17.26 15.75 -8.34
N SER A 25 16.13 16.36 -7.96
CA SER A 25 15.80 17.72 -8.35
C SER A 25 15.67 18.57 -7.11
N GLY A 26 16.20 19.79 -7.16
CA GLY A 26 16.17 20.68 -6.02
C GLY A 26 17.38 20.58 -5.12
N ASP A 27 18.33 19.70 -5.42
CA ASP A 27 19.61 19.64 -4.74
C ASP A 27 20.64 19.12 -5.72
N THR A 28 21.90 19.10 -5.29
CA THR A 28 22.98 18.53 -6.08
C THR A 28 23.48 17.26 -5.40
N VAL A 29 23.77 16.23 -6.20
CA VAL A 29 24.22 14.96 -5.62
C VAL A 29 25.58 15.12 -4.95
N SER A 30 26.39 16.06 -5.41
CA SER A 30 27.71 16.29 -4.84
C SER A 30 27.67 17.23 -3.63
N SER A 31 26.48 17.57 -3.13
CA SER A 31 26.37 18.51 -2.02
C SER A 31 27.11 18.00 -0.79
N ASN A 32 27.89 18.89 -0.17
CA ASN A 32 28.62 18.58 1.05
C ASN A 32 27.76 18.71 2.30
N ARG A 33 26.46 19.00 2.15
CA ARG A 33 25.53 19.05 3.26
C ARG A 33 24.62 17.83 3.35
N ALA A 34 24.62 16.98 2.33
CA ALA A 34 23.70 15.87 2.24
C ALA A 34 24.45 14.55 2.12
N ALA A 35 23.76 13.49 2.54
CA ALA A 35 24.09 12.12 2.21
C ALA A 35 22.90 11.51 1.48
N TRP A 36 23.18 10.58 0.60
CA TRP A 36 22.17 9.98 -0.27
C TRP A 36 22.03 8.51 0.09
N ASN A 37 20.86 8.12 0.60
CA ASN A 37 20.62 6.83 1.23
C ASN A 37 19.66 5.97 0.41
N TRP A 38 19.76 4.66 0.62
CA TRP A 38 18.74 3.72 0.15
C TRP A 38 18.19 2.93 1.34
N ILE A 39 16.87 2.75 1.35
CA ILE A 39 16.13 2.01 2.36
C ILE A 39 15.14 1.12 1.64
N ARG A 40 14.81 -0.02 2.24
CA ARG A 40 13.77 -0.88 1.69
C ARG A 40 12.78 -1.29 2.78
N GLN A 41 11.63 -1.80 2.35
CA GLN A 41 10.54 -2.17 3.24
C GLN A 41 9.86 -3.43 2.73
N SER A 42 9.73 -4.44 3.58
CA SER A 42 9.01 -5.65 3.25
C SER A 42 8.56 -6.30 4.55
N PRO A 43 7.66 -7.29 4.48
CA PRO A 43 7.24 -7.96 5.73
C PRO A 43 8.38 -8.65 6.46
N SER A 44 9.35 -9.21 5.74
CA SER A 44 10.41 -9.93 6.40
C SER A 44 11.62 -9.06 6.70
N ARG A 45 11.78 -7.92 6.03
CA ARG A 45 12.89 -7.04 6.35
C ARG A 45 12.48 -5.87 7.22
N GLY A 46 11.19 -5.68 7.44
CA GLY A 46 10.76 -4.48 8.13
C GLY A 46 11.16 -3.26 7.33
N LEU A 47 11.53 -2.19 8.03
CA LEU A 47 12.03 -0.97 7.41
C LEU A 47 13.55 -0.98 7.59
N GLU A 48 14.28 -1.29 6.53
CA GLU A 48 15.69 -1.67 6.62
C GLU A 48 16.55 -0.70 5.81
N TRP A 49 17.45 0.02 6.50
CA TRP A 49 18.39 0.90 5.84
C TRP A 49 19.49 0.10 5.17
N LEU A 50 19.86 0.49 3.95
CA LEU A 50 20.78 -0.30 3.13
C LEU A 50 22.16 0.32 3.02
N GLY A 51 22.24 1.63 2.85
CA GLY A 51 23.53 2.27 2.73
C GLY A 51 23.35 3.70 2.26
N ARG A 52 24.49 4.37 2.08
CA ARG A 52 24.50 5.74 1.61
C ARG A 52 25.82 6.03 0.90
N THR A 53 25.81 7.08 0.10
CA THR A 53 27.01 7.66 -0.47
C THR A 53 26.93 9.16 -0.30
N TYR A 54 28.09 9.81 -0.23
CA TYR A 54 28.11 11.26 -0.06
C TYR A 54 29.49 11.80 -0.40
N TYR A 55 29.53 13.10 -0.72
CA TYR A 55 30.74 13.76 -1.19
C TYR A 55 31.23 14.77 -0.16
N ARG A 56 32.52 14.69 0.17
CA ARG A 56 33.16 15.60 1.11
C ARG A 56 34.63 15.70 0.70
N SER A 57 34.86 16.41 -0.42
CA SER A 57 36.14 16.50 -1.11
C SER A 57 36.54 15.17 -1.74
N LYS A 58 35.81 14.11 -1.41
CA LYS A 58 35.91 12.81 -2.06
C LYS A 58 34.65 12.04 -1.73
N TRP A 59 34.38 11.03 -2.55
CA TRP A 59 33.16 10.23 -2.38
C TRP A 59 33.37 9.17 -1.31
N TYR A 60 32.41 9.07 -0.40
CA TYR A 60 32.41 8.07 0.67
C TYR A 60 31.16 7.19 0.55
N THR A 61 31.21 6.04 1.20
CA THR A 61 30.06 5.15 1.27
C THR A 61 30.02 4.48 2.64
N ASP A 62 28.82 4.16 3.09
CA ASP A 62 28.58 3.30 4.25
C ASP A 62 27.50 2.32 3.87
N TYR A 63 27.72 1.04 4.17
CA TYR A 63 26.73 0.02 3.88
C TYR A 63 26.31 -0.69 5.17
N ALA A 64 25.05 -1.09 5.23
CA ALA A 64 24.55 -1.87 6.35
C ALA A 64 25.18 -3.25 6.37
N VAL A 65 25.45 -3.76 7.58
CA VAL A 65 26.06 -5.08 7.75
C VAL A 65 25.26 -6.14 7.01
N SER A 66 23.93 -6.00 6.96
CA SER A 66 23.10 -7.03 6.34
C SER A 66 23.41 -7.22 4.87
N VAL A 67 23.90 -6.19 4.19
CA VAL A 67 24.05 -6.27 2.73
C VAL A 67 25.43 -5.81 2.31
N LYS A 68 26.32 -5.58 3.27
CA LYS A 68 27.57 -4.86 3.01
C LYS A 68 28.36 -5.47 1.85
N SER A 69 28.30 -6.79 1.69
CA SER A 69 29.08 -7.46 0.66
C SER A 69 28.33 -7.61 -0.65
N ARG A 70 27.08 -7.17 -0.73
CA ARG A 70 26.25 -7.40 -1.92
C ARG A 70 25.86 -6.13 -2.66
N ILE A 71 26.03 -4.95 -2.08
CA ILE A 71 25.49 -3.75 -2.71
C ILE A 71 26.60 -2.79 -3.09
N THR A 72 26.36 -1.91 -4.13
CA THR A 72 27.10 -0.67 -4.28
C THR A 72 26.09 0.46 -4.40
N ILE A 73 26.52 1.58 -4.10
CA ILE A 73 25.77 2.81 -4.29
C ILE A 73 26.71 3.81 -4.97
N THR A 74 26.37 4.21 -6.19
CA THR A 74 27.26 4.99 -7.04
C THR A 74 26.59 6.29 -7.45
N PRO A 75 27.17 7.44 -7.14
CA PRO A 75 26.60 8.72 -7.60
C PRO A 75 26.99 9.00 -9.05
N ASP A 76 26.21 9.87 -9.67
CA ASP A 76 26.45 10.28 -11.05
C ASP A 76 26.26 11.80 -11.11
N THR A 77 27.39 12.53 -11.11
CA THR A 77 27.29 13.99 -11.11
C THR A 77 26.82 14.52 -12.45
N SER A 78 27.09 13.80 -13.54
CA SER A 78 26.68 14.25 -14.87
C SER A 78 25.16 14.21 -15.04
N LYS A 79 24.44 13.40 -14.26
CA LYS A 79 22.99 13.35 -14.32
C LYS A 79 22.33 13.67 -12.99
N ASN A 80 23.10 14.07 -11.98
CA ASN A 80 22.56 14.39 -10.66
C ASN A 80 21.72 13.24 -10.12
N GLN A 81 22.32 12.06 -10.08
CA GLN A 81 21.58 10.88 -9.62
C GLN A 81 22.53 9.96 -8.88
N PHE A 82 21.95 9.01 -8.14
CA PHE A 82 22.70 7.94 -7.51
C PHE A 82 21.90 6.65 -7.63
N SER A 83 22.63 5.54 -7.72
CA SER A 83 22.02 4.25 -8.03
C SER A 83 22.39 3.21 -6.98
N LEU A 84 21.50 2.23 -6.84
CA LEU A 84 21.71 1.07 -5.97
C LEU A 84 21.80 -0.16 -6.85
N GLN A 85 22.86 -0.94 -6.67
CA GLN A 85 22.98 -2.25 -7.30
C GLN A 85 23.15 -3.30 -6.21
N MET A 86 22.42 -4.40 -6.35
CA MET A 86 22.45 -5.48 -5.37
C MET A 86 22.58 -6.79 -6.14
N LYS A 87 23.68 -7.50 -5.91
CA LYS A 87 23.93 -8.73 -6.64
C LYS A 87 23.22 -9.91 -5.98
N SER A 88 23.07 -10.98 -6.77
CA SER A 88 22.57 -12.28 -6.29
C SER A 88 21.31 -12.13 -5.44
N VAL A 89 20.26 -11.57 -6.04
CA VAL A 89 19.03 -11.32 -5.29
C VAL A 89 18.32 -12.64 -4.98
N THR A 90 17.66 -12.67 -3.83
CA THR A 90 16.85 -13.83 -3.43
C THR A 90 15.42 -13.33 -3.24
N PRO A 91 14.44 -14.21 -3.06
CA PRO A 91 13.08 -13.73 -2.79
C PRO A 91 12.99 -12.81 -1.57
N GLU A 92 13.93 -12.91 -0.63
CA GLU A 92 13.90 -12.01 0.51
C GLU A 92 14.34 -10.59 0.14
N ASP A 93 14.75 -10.35 -1.11
CA ASP A 93 15.06 -9.00 -1.55
C ASP A 93 13.86 -8.32 -2.20
N THR A 94 12.74 -9.03 -2.34
CA THR A 94 11.50 -8.41 -2.78
C THR A 94 11.03 -7.40 -1.75
N ALA A 95 10.83 -6.15 -2.17
CA ALA A 95 10.56 -5.07 -1.24
C ALA A 95 10.21 -3.82 -2.02
N VAL A 96 9.71 -2.82 -1.29
CA VAL A 96 9.65 -1.45 -1.79
C VAL A 96 10.95 -0.78 -1.38
N TYR A 97 11.69 -0.26 -2.36
CA TYR A 97 12.96 0.41 -2.14
C TYR A 97 12.75 1.91 -2.22
N TYR A 98 13.32 2.64 -1.26
CA TYR A 98 13.20 4.09 -1.19
C TYR A 98 14.57 4.73 -1.28
N CYS A 99 14.66 5.83 -2.02
CA CYS A 99 15.83 6.68 -1.87
C CYS A 99 15.47 7.83 -0.94
N ALA A 100 16.47 8.37 -0.27
CA ALA A 100 16.24 9.37 0.76
C ALA A 100 17.49 10.19 0.96
N ARG A 101 17.28 11.47 1.26
CA ARG A 101 18.35 12.40 1.56
C ARG A 101 18.53 12.50 3.06
N GLY A 102 19.78 12.48 3.51
CA GLY A 102 20.11 12.70 4.91
C GLY A 102 20.76 14.07 5.08
N SER A 103 20.23 14.83 6.03
CA SER A 103 20.68 16.19 6.27
C SER A 103 21.00 16.38 7.74
N ALA A 104 22.03 17.18 8.00
CA ALA A 104 22.40 17.52 9.38
C ALA A 104 21.35 18.46 9.97
N MET A 105 20.52 17.96 10.88
CA MET A 105 19.44 18.75 11.45
C MET A 105 19.63 19.13 12.90
N ILE A 106 20.54 18.49 13.62
CA ILE A 106 20.79 18.79 15.03
C ILE A 106 22.26 19.16 15.14
N PHE A 107 22.53 20.44 15.35
CA PHE A 107 23.88 21.01 15.27
C PHE A 107 25.00 20.36 14.45
N GLY A 108 24.87 20.21 13.15
CA GLY A 108 25.99 19.75 12.36
C GLY A 108 26.44 18.31 12.42
N ILE A 109 25.73 17.51 13.22
CA ILE A 109 26.18 16.17 13.60
C ILE A 109 25.17 15.11 13.22
N VAL A 110 23.91 15.31 13.60
CA VAL A 110 22.89 14.27 13.44
C VAL A 110 22.40 14.32 12.00
N ILE A 111 22.69 13.26 11.24
CA ILE A 111 22.23 13.12 9.86
C ILE A 111 20.90 12.40 9.87
N ILE A 112 19.83 13.08 9.47
CA ILE A 112 18.46 12.58 9.56
C ILE A 112 17.89 12.42 8.16
N LEU A 113 17.23 11.30 7.91
CA LEU A 113 16.58 11.00 6.63
C LEU A 113 15.33 11.85 6.48
N GLU A 114 15.43 12.99 5.79
CA GLU A 114 14.38 13.99 5.82
C GLU A 114 13.60 14.15 4.52
N SER A 115 14.03 13.56 3.42
CA SER A 115 13.29 13.62 2.17
C SER A 115 13.40 12.28 1.47
N TRP A 116 12.26 11.68 1.10
CA TRP A 116 12.19 10.32 0.60
C TRP A 116 11.56 10.30 -0.78
N GLY A 117 12.06 9.41 -1.64
CA GLY A 117 11.37 9.12 -2.88
C GLY A 117 10.07 8.36 -2.61
N GLN A 118 9.26 8.22 -3.67
CA GLN A 118 7.95 7.61 -3.53
C GLN A 118 7.99 6.09 -3.36
N GLY A 119 9.13 5.45 -3.64
CA GLY A 119 9.26 4.02 -3.47
C GLY A 119 9.10 3.25 -4.76
N THR A 120 9.88 2.18 -4.91
CA THR A 120 9.85 1.33 -6.08
C THR A 120 9.70 -0.11 -5.62
N LEU A 121 8.64 -0.79 -6.07
CA LEU A 121 8.47 -2.20 -5.73
C LEU A 121 9.33 -3.04 -6.66
N VAL A 122 10.20 -3.85 -6.09
CA VAL A 122 11.01 -4.79 -6.86
C VAL A 122 10.58 -6.19 -6.49
N THR A 123 10.17 -6.97 -7.48
CA THR A 123 9.77 -8.36 -7.28
C THR A 123 10.88 -9.25 -7.81
N VAL A 124 11.38 -10.13 -6.94
CA VAL A 124 12.35 -11.15 -7.31
C VAL A 124 11.57 -12.38 -7.70
N SER A 125 11.65 -12.77 -8.96
CA SER A 125 10.88 -13.89 -9.44
C SER A 125 11.40 -14.29 -10.81
N SER A 126 11.22 -15.56 -11.14
CA SER A 126 11.60 -16.09 -12.44
C SER A 126 10.48 -16.00 -13.45
N ALA A 127 9.27 -15.65 -13.02
CA ALA A 127 8.13 -15.63 -13.93
C ALA A 127 8.21 -14.43 -14.87
N SER A 128 7.58 -14.59 -16.03
CA SER A 128 7.59 -13.59 -17.08
C SER A 128 6.55 -12.50 -16.83
N THR A 129 6.81 -11.34 -17.39
CA THR A 129 5.86 -10.24 -17.37
C THR A 129 4.65 -10.58 -18.23
N LYS A 130 3.46 -10.25 -17.72
CA LYS A 130 2.23 -10.40 -18.46
C LYS A 130 1.34 -9.22 -18.16
N GLY A 131 0.83 -8.57 -19.20
CA GLY A 131 -0.09 -7.47 -19.04
C GLY A 131 -1.47 -7.98 -18.66
N PRO A 132 -2.30 -7.13 -18.09
CA PRO A 132 -3.61 -7.56 -17.58
C PRO A 132 -4.71 -7.51 -18.62
N SER A 133 -5.70 -8.38 -18.41
CA SER A 133 -7.01 -8.24 -19.06
C SER A 133 -7.88 -7.41 -18.15
N VAL A 134 -8.64 -6.49 -18.74
CA VAL A 134 -9.55 -5.63 -18.00
C VAL A 134 -10.98 -5.97 -18.40
N PHE A 135 -11.79 -6.37 -17.43
CA PHE A 135 -13.19 -6.66 -17.70
C PHE A 135 -14.09 -5.71 -16.91
N PRO A 136 -15.28 -5.40 -17.42
CA PRO A 136 -16.18 -4.50 -16.71
C PRO A 136 -16.94 -5.22 -15.61
N LEU A 137 -17.12 -4.53 -14.48
CA LEU A 137 -18.05 -4.92 -13.43
C LEU A 137 -19.28 -4.03 -13.62
N ALA A 138 -20.19 -4.49 -14.46
CA ALA A 138 -21.27 -3.63 -14.92
C ALA A 138 -22.30 -3.38 -13.81
N PRO A 139 -22.81 -2.17 -13.68
CA PRO A 139 -23.90 -1.92 -12.72
C PRO A 139 -25.21 -2.51 -13.21
N SER A 140 -26.00 -2.99 -12.26
CA SER A 140 -27.28 -3.61 -12.54
C SER A 140 -28.16 -3.47 -11.30
N SER A 141 -29.36 -4.06 -11.37
CA SER A 141 -30.22 -4.15 -10.21
C SER A 141 -29.57 -4.94 -9.09
N LYS A 142 -28.66 -5.85 -9.43
CA LYS A 142 -27.95 -6.62 -8.42
C LYS A 142 -26.83 -5.83 -7.77
N SER A 143 -26.41 -4.72 -8.35
CA SER A 143 -25.36 -3.89 -7.76
C SER A 143 -25.90 -2.51 -7.42
N THR A 144 -27.14 -2.45 -6.95
CA THR A 144 -27.72 -1.24 -6.36
C THR A 144 -28.06 -1.49 -4.90
N SER A 145 -28.14 -0.38 -4.16
CA SER A 145 -28.45 -0.39 -2.73
C SER A 145 -29.07 0.97 -2.45
N GLY A 146 -30.40 1.03 -2.41
CA GLY A 146 -31.07 2.31 -2.39
C GLY A 146 -30.88 3.03 -3.72
N GLY A 147 -30.62 4.34 -3.64
CA GLY A 147 -30.28 5.11 -4.82
C GLY A 147 -28.84 5.00 -5.28
N THR A 148 -28.00 4.24 -4.59
CA THR A 148 -26.58 4.11 -4.93
C THR A 148 -26.36 2.89 -5.81
N ALA A 149 -25.53 3.04 -6.83
CA ALA A 149 -25.13 1.96 -7.72
C ALA A 149 -23.62 1.78 -7.70
N ALA A 150 -23.17 0.53 -7.63
CA ALA A 150 -21.75 0.21 -7.67
C ALA A 150 -21.36 -0.31 -9.04
N LEU A 151 -20.14 0.03 -9.48
CA LEU A 151 -19.57 -0.52 -10.70
C LEU A 151 -18.04 -0.54 -10.57
N GLY A 152 -17.39 -1.26 -11.45
CA GLY A 152 -15.96 -1.34 -11.37
C GLY A 152 -15.31 -1.96 -12.59
N CYS A 153 -14.03 -2.29 -12.42
CA CYS A 153 -13.25 -3.03 -13.40
C CYS A 153 -12.53 -4.16 -12.71
N LEU A 154 -12.50 -5.31 -13.34
CA LEU A 154 -11.76 -6.47 -12.87
C LEU A 154 -10.47 -6.53 -13.70
N VAL A 155 -9.34 -6.33 -13.04
CA VAL A 155 -8.05 -6.33 -13.67
C VAL A 155 -7.41 -7.65 -13.38
N LYS A 156 -7.39 -8.49 -14.38
CA LYS A 156 -7.00 -9.86 -14.24
C LYS A 156 -5.80 -10.38 -14.98
N ASP A 157 -5.17 -11.37 -14.36
CA ASP A 157 -4.08 -12.11 -14.92
C ASP A 157 -2.88 -11.32 -15.38
N TYR A 158 -2.26 -10.61 -14.46
CA TYR A 158 -1.07 -9.85 -14.79
C TYR A 158 0.07 -10.24 -13.85
N PHE A 159 1.28 -9.87 -14.25
CA PHE A 159 2.49 -10.08 -13.46
C PHE A 159 3.61 -9.18 -13.99
N PRO A 160 4.37 -8.54 -13.08
CA PRO A 160 4.25 -8.55 -11.62
C PRO A 160 3.38 -7.38 -11.12
N GLU A 161 3.27 -7.26 -9.81
CA GLU A 161 2.71 -6.05 -9.22
C GLU A 161 3.62 -4.88 -9.59
N PRO A 162 3.08 -3.66 -9.65
CA PRO A 162 1.69 -3.29 -9.39
C PRO A 162 0.95 -2.85 -10.64
N VAL A 163 -0.37 -2.65 -10.52
CA VAL A 163 -1.15 -1.91 -11.50
C VAL A 163 -1.72 -0.69 -10.77
N THR A 164 -2.00 0.34 -11.54
CA THR A 164 -2.68 1.51 -11.02
C THR A 164 -3.97 1.70 -11.79
N VAL A 165 -5.03 2.03 -11.06
CA VAL A 165 -6.35 2.21 -11.65
C VAL A 165 -6.86 3.58 -11.25
N SER A 166 -7.22 4.39 -12.24
CA SER A 166 -7.91 5.64 -12.03
C SER A 166 -9.26 5.54 -12.71
N TRP A 167 -10.13 6.52 -12.44
CA TRP A 167 -11.44 6.55 -13.04
C TRP A 167 -11.67 7.88 -13.73
N ASN A 168 -12.10 7.82 -14.99
CA ASN A 168 -12.39 9.01 -15.78
C ASN A 168 -11.18 9.95 -15.80
N SER A 169 -10.01 9.34 -16.03
CA SER A 169 -8.73 10.06 -16.13
C SER A 169 -8.43 10.87 -14.88
N GLY A 170 -8.80 10.35 -13.71
CA GLY A 170 -8.53 11.02 -12.46
C GLY A 170 -9.57 12.03 -12.03
N ALA A 171 -10.58 12.30 -12.86
CA ALA A 171 -11.61 13.24 -12.46
C ALA A 171 -12.58 12.65 -11.44
N LEU A 172 -12.69 11.32 -11.38
CA LEU A 172 -13.61 10.62 -10.48
C LEU A 172 -12.80 9.95 -9.38
N THR A 173 -12.90 10.45 -8.16
CA THR A 173 -12.05 9.98 -7.07
C THR A 173 -12.87 9.61 -5.84
N SER A 174 -14.02 10.26 -5.68
CA SER A 174 -14.84 10.01 -4.50
C SER A 174 -15.46 8.62 -4.57
N GLY A 175 -15.37 7.87 -3.47
CA GLY A 175 -16.01 6.58 -3.40
C GLY A 175 -15.34 5.49 -4.21
N VAL A 176 -14.05 5.63 -4.54
CA VAL A 176 -13.32 4.64 -5.29
C VAL A 176 -12.54 3.76 -4.31
N HIS A 177 -12.67 2.44 -4.47
CA HIS A 177 -11.88 1.47 -3.72
C HIS A 177 -11.21 0.53 -4.71
N THR A 178 -9.89 0.57 -4.75
CA THR A 178 -9.11 -0.39 -5.52
C THR A 178 -8.45 -1.34 -4.55
N PHE A 179 -8.83 -2.62 -4.63
CA PHE A 179 -8.44 -3.59 -3.63
C PHE A 179 -7.01 -4.05 -3.83
N PRO A 180 -6.39 -4.55 -2.76
CA PRO A 180 -5.09 -5.21 -2.92
C PRO A 180 -5.20 -6.41 -3.86
N ALA A 181 -4.17 -6.61 -4.66
CA ALA A 181 -4.14 -7.74 -5.56
C ALA A 181 -4.07 -9.05 -4.79
N VAL A 182 -4.67 -10.09 -5.35
CA VAL A 182 -4.51 -11.43 -4.85
C VAL A 182 -3.74 -12.22 -5.90
N LEU A 183 -2.82 -13.06 -5.43
CA LEU A 183 -2.10 -13.95 -6.33
C LEU A 183 -2.97 -15.17 -6.59
N GLN A 184 -3.27 -15.42 -7.86
CA GLN A 184 -4.14 -16.51 -8.25
C GLN A 184 -3.35 -17.83 -8.32
N SER A 185 -4.10 -18.94 -8.40
CA SER A 185 -3.46 -20.24 -8.45
C SER A 185 -2.58 -20.41 -9.67
N SER A 186 -2.81 -19.60 -10.70
CA SER A 186 -1.97 -19.60 -11.90
C SER A 186 -0.64 -18.88 -11.70
N GLY A 187 -0.44 -18.25 -10.55
CA GLY A 187 0.73 -17.41 -10.38
C GLY A 187 0.60 -15.99 -10.90
N LEU A 188 -0.58 -15.60 -11.38
CA LEU A 188 -0.84 -14.25 -11.87
C LEU A 188 -1.73 -13.49 -10.91
N TYR A 189 -1.54 -12.18 -10.84
CA TYR A 189 -2.31 -11.38 -9.90
C TYR A 189 -3.66 -10.98 -10.50
N SER A 190 -4.57 -10.58 -9.61
CA SER A 190 -5.88 -10.11 -10.01
C SER A 190 -6.38 -9.12 -8.97
N LEU A 191 -7.09 -8.09 -9.42
CA LEU A 191 -7.74 -7.16 -8.50
C LEU A 191 -8.96 -6.55 -9.18
N SER A 192 -9.82 -5.99 -8.36
CA SER A 192 -10.94 -5.17 -8.82
C SER A 192 -10.79 -3.77 -8.25
N SER A 193 -11.24 -2.81 -9.05
CA SER A 193 -11.40 -1.43 -8.61
C SER A 193 -12.87 -1.08 -8.78
N VAL A 194 -13.50 -0.58 -7.72
CA VAL A 194 -14.93 -0.30 -7.72
C VAL A 194 -15.16 1.16 -7.36
N VAL A 195 -16.33 1.66 -7.75
CA VAL A 195 -16.78 3.00 -7.38
C VAL A 195 -18.29 2.96 -7.24
N THR A 196 -18.82 3.74 -6.30
CA THR A 196 -20.26 3.90 -6.13
C THR A 196 -20.69 5.26 -6.65
N VAL A 197 -21.79 5.26 -7.40
CA VAL A 197 -22.27 6.46 -8.09
C VAL A 197 -23.78 6.53 -7.95
N PRO A 198 -24.38 7.70 -8.17
CA PRO A 198 -25.84 7.79 -8.17
C PRO A 198 -26.44 6.91 -9.26
N SER A 199 -27.41 6.07 -8.86
CA SER A 199 -28.08 5.21 -9.84
C SER A 199 -28.80 6.02 -10.90
N SER A 200 -29.13 7.28 -10.62
CA SER A 200 -29.79 8.12 -11.62
C SER A 200 -28.83 8.56 -12.73
N SER A 201 -27.52 8.46 -12.50
CA SER A 201 -26.52 8.92 -13.46
C SER A 201 -26.15 7.88 -14.50
N LEU A 202 -26.64 6.65 -14.37
CA LEU A 202 -26.17 5.56 -15.24
C LEU A 202 -26.56 5.76 -16.70
N GLY A 203 -27.58 6.54 -16.99
CA GLY A 203 -27.99 6.70 -18.37
C GLY A 203 -27.29 7.84 -19.07
N THR A 204 -26.75 8.78 -18.30
CA THR A 204 -26.20 10.01 -18.84
C THR A 204 -24.69 10.12 -18.69
N GLN A 205 -24.13 9.77 -17.54
CA GLN A 205 -22.71 9.96 -17.27
C GLN A 205 -21.89 8.77 -17.75
N THR A 206 -20.67 9.06 -18.19
CA THR A 206 -19.73 8.05 -18.66
C THR A 206 -18.74 7.71 -17.56
N TYR A 207 -18.53 6.41 -17.32
CA TYR A 207 -17.56 5.95 -16.35
C TYR A 207 -16.55 5.06 -17.05
N ILE A 208 -15.28 5.45 -16.98
CA ILE A 208 -14.18 4.72 -17.62
C ILE A 208 -13.10 4.48 -16.59
N CYS A 209 -12.66 3.23 -16.47
CA CYS A 209 -11.52 2.92 -15.63
C CYS A 209 -10.26 2.91 -16.50
N ASN A 210 -9.20 3.53 -15.99
CA ASN A 210 -7.94 3.67 -16.72
C ASN A 210 -6.92 2.82 -16.01
N VAL A 211 -6.50 1.73 -16.65
CA VAL A 211 -5.65 0.72 -16.05
C VAL A 211 -4.24 0.87 -16.61
N ASN A 212 -3.24 0.90 -15.73
CA ASN A 212 -1.86 1.08 -16.12
C ASN A 212 -1.03 0.01 -15.46
N HIS A 213 -0.37 -0.82 -16.26
CA HIS A 213 0.55 -1.85 -15.76
C HIS A 213 1.92 -1.47 -16.28
N LYS A 214 2.63 -0.66 -15.51
CA LYS A 214 3.93 -0.17 -15.96
C LYS A 214 4.92 -1.29 -16.31
N PRO A 215 5.00 -2.41 -15.58
CA PRO A 215 5.97 -3.45 -15.97
C PRO A 215 5.76 -4.00 -17.37
N SER A 216 4.54 -4.06 -17.89
CA SER A 216 4.32 -4.46 -19.27
C SER A 216 4.06 -3.27 -20.19
N ASN A 217 4.11 -2.05 -19.67
CA ASN A 217 3.73 -0.84 -20.40
C ASN A 217 2.36 -1.00 -21.05
N THR A 218 1.41 -1.50 -20.28
CA THR A 218 0.03 -1.67 -20.73
C THR A 218 -0.83 -0.56 -20.15
N LYS A 219 -1.46 0.20 -21.04
CA LYS A 219 -2.48 1.17 -20.67
C LYS A 219 -3.80 0.72 -21.31
N VAL A 220 -4.84 0.60 -20.50
CA VAL A 220 -6.15 0.15 -20.97
C VAL A 220 -7.22 1.05 -20.37
N ASP A 221 -8.05 1.63 -21.23
CA ASP A 221 -9.21 2.39 -20.82
C ASP A 221 -10.44 1.57 -21.13
N LYS A 222 -11.26 1.29 -20.11
CA LYS A 222 -12.41 0.39 -20.21
C LYS A 222 -13.67 1.15 -19.83
N LYS A 223 -14.51 1.42 -20.83
CA LYS A 223 -15.80 2.06 -20.58
C LYS A 223 -16.77 1.04 -19.99
N VAL A 224 -17.23 1.31 -18.77
CA VAL A 224 -18.09 0.38 -18.03
C VAL A 224 -19.54 0.82 -18.25
N GLU A 225 -20.26 0.08 -19.14
CA GLU A 225 -21.64 0.43 -19.42
C GLU A 225 -22.59 -0.43 -18.59
N PRO A 226 -23.72 0.13 -18.16
CA PRO A 226 -24.65 -0.64 -17.34
C PRO A 226 -25.34 -1.74 -18.14
N LYS A 227 -25.63 -2.84 -17.44
CA LYS A 227 -26.32 -3.99 -18.03
C LYS A 227 -27.48 -4.37 -17.12
N SER A 228 -28.68 -4.47 -17.68
CA SER A 228 -29.85 -4.89 -16.91
C SER A 228 -30.73 -5.82 -17.74
N GLU B 1 24.56 -3.04 16.67
CA GLU B 1 23.17 -3.20 16.23
C GLU B 1 22.20 -2.94 17.38
N ILE B 2 21.59 -1.76 17.37
CA ILE B 2 20.64 -1.39 18.41
C ILE B 2 19.25 -1.79 17.91
N VAL B 3 18.58 -2.68 18.63
CA VAL B 3 17.23 -3.11 18.24
C VAL B 3 16.21 -2.21 18.92
N LEU B 4 15.31 -1.64 18.13
CA LEU B 4 14.22 -0.81 18.63
C LEU B 4 12.93 -1.57 18.51
N THR B 5 12.11 -1.50 19.55
CA THR B 5 10.88 -2.26 19.57
C THR B 5 9.73 -1.43 20.11
N GLN B 6 8.65 -1.37 19.34
CA GLN B 6 7.57 -0.45 19.60
C GLN B 6 6.38 -1.16 20.22
N SER B 7 5.63 -0.43 21.04
CA SER B 7 4.43 -0.99 21.64
C SER B 7 3.32 0.06 21.75
N PRO B 8 2.08 -0.35 21.46
CA PRO B 8 1.68 -1.70 21.03
C PRO B 8 1.97 -1.92 19.55
N GLY B 9 1.72 -3.13 19.05
CA GLY B 9 1.84 -3.34 17.61
C GLY B 9 0.72 -2.65 16.85
N THR B 10 -0.51 -2.84 17.32
CA THR B 10 -1.69 -2.19 16.75
C THR B 10 -2.42 -1.45 17.85
N LEU B 11 -2.83 -0.22 17.54
CA LEU B 11 -3.58 0.64 18.45
C LEU B 11 -4.85 1.10 17.74
N SER B 12 -6.00 0.92 18.39
CA SER B 12 -7.30 1.33 17.84
C SER B 12 -7.91 2.33 18.81
N LEU B 13 -8.07 3.57 18.37
CA LEU B 13 -8.52 4.66 19.24
C LEU B 13 -9.50 5.53 18.49
N SER B 14 -10.42 6.15 19.23
CA SER B 14 -11.34 7.06 18.58
C SER B 14 -10.70 8.44 18.40
N PRO B 15 -11.10 9.18 17.36
CA PRO B 15 -10.64 10.56 17.24
C PRO B 15 -10.98 11.34 18.51
N GLY B 16 -10.08 12.24 18.89
CA GLY B 16 -10.23 13.01 20.10
C GLY B 16 -9.55 12.42 21.32
N GLU B 17 -9.07 11.19 21.24
CA GLU B 17 -8.37 10.58 22.36
C GLU B 17 -6.87 10.82 22.26
N ARG B 18 -6.16 10.53 23.34
CA ARG B 18 -4.71 10.64 23.37
C ARG B 18 -4.09 9.29 23.07
N ALA B 19 -3.20 9.26 22.08
CA ALA B 19 -2.44 8.06 21.75
C ALA B 19 -1.05 8.17 22.37
N THR B 20 -0.59 7.07 22.99
CA THR B 20 0.74 7.02 23.60
C THR B 20 1.50 5.82 23.04
N LEU B 21 2.53 6.10 22.25
CA LEU B 21 3.29 5.08 21.54
C LEU B 21 4.68 4.96 22.19
N SER B 22 5.11 3.74 22.46
CA SER B 22 6.37 3.48 23.12
C SER B 22 7.41 3.00 22.12
N CYS B 23 8.66 3.37 22.39
CA CYS B 23 9.82 2.82 21.70
C CYS B 23 10.87 2.57 22.77
N ARG B 24 11.23 1.30 22.97
CA ARG B 24 12.27 0.93 23.93
C ARG B 24 13.45 0.32 23.19
N ALA B 25 14.65 0.79 23.52
CA ALA B 25 15.87 0.41 22.84
C ALA B 25 16.64 -0.64 23.63
N SER B 26 17.37 -1.50 22.90
CA SER B 26 18.17 -2.54 23.55
C SER B 26 19.28 -1.97 24.41
N GLN B 27 19.82 -0.81 24.03
CA GLN B 27 20.83 -0.12 24.81
C GLN B 27 20.54 1.37 24.77
N SER B 28 21.22 2.12 25.64
CA SER B 28 20.96 3.55 25.77
C SER B 28 21.19 4.27 24.46
N VAL B 29 20.29 5.20 24.14
CA VAL B 29 20.38 6.03 22.94
C VAL B 29 20.41 7.49 23.38
N ALA B 30 21.42 8.22 22.92
CA ALA B 30 21.42 9.67 23.11
C ALA B 30 20.18 10.26 22.46
N SER B 31 19.45 11.08 23.23
CA SER B 31 18.16 11.59 22.78
C SER B 31 18.27 12.32 21.46
N SER B 32 19.42 12.93 21.16
CA SER B 32 19.61 13.60 19.89
C SER B 32 19.47 12.66 18.71
N TYR B 33 19.61 11.36 18.92
CA TYR B 33 19.69 10.41 17.82
C TYR B 33 18.43 9.56 17.64
N LEU B 34 17.31 9.92 18.27
CA LEU B 34 16.08 9.16 18.14
C LEU B 34 15.01 10.01 17.47
N ALA B 35 14.39 9.45 16.42
CA ALA B 35 13.37 10.16 15.65
C ALA B 35 12.13 9.29 15.50
N TRP B 36 11.00 9.94 15.13
CA TRP B 36 9.76 9.25 14.81
C TRP B 36 9.31 9.60 13.40
N TYR B 37 8.75 8.61 12.71
CA TYR B 37 8.26 8.75 11.35
C TYR B 37 6.80 8.30 11.29
N GLN B 38 6.05 8.96 10.42
CA GLN B 38 4.67 8.59 10.13
C GLN B 38 4.58 8.07 8.69
N GLN B 39 3.92 6.94 8.51
CA GLN B 39 3.72 6.38 7.17
C GLN B 39 2.24 6.14 6.95
N LYS B 40 1.67 6.84 5.99
CA LYS B 40 0.29 6.69 5.55
C LYS B 40 0.24 5.77 4.33
N PRO B 41 -0.91 5.15 4.05
CA PRO B 41 -0.96 4.09 3.03
C PRO B 41 -0.47 4.57 1.67
N GLY B 42 0.38 3.75 1.05
CA GLY B 42 0.91 4.05 -0.27
C GLY B 42 1.97 5.12 -0.31
N GLN B 43 2.46 5.59 0.84
CA GLN B 43 3.43 6.66 0.88
C GLN B 43 4.68 6.25 1.64
N ALA B 44 5.76 6.98 1.38
CA ALA B 44 7.01 6.79 2.08
C ALA B 44 6.90 7.34 3.50
N PRO B 45 7.71 6.81 4.42
CA PRO B 45 7.74 7.37 5.77
C PRO B 45 8.09 8.85 5.74
N ARG B 46 7.53 9.59 6.68
CA ARG B 46 7.69 11.04 6.75
C ARG B 46 8.14 11.43 8.15
N LEU B 47 9.10 12.34 8.21
CA LEU B 47 9.71 12.69 9.49
C LEU B 47 8.73 13.47 10.35
N LEU B 48 8.55 13.02 11.58
CA LEU B 48 7.57 13.61 12.49
C LEU B 48 8.25 14.31 13.65
N ILE B 49 9.08 13.59 14.41
CA ILE B 49 9.83 14.09 15.54
C ILE B 49 11.29 13.74 15.31
N TYR B 50 12.19 14.70 15.53
CA TYR B 50 13.62 14.42 15.49
C TYR B 50 14.27 14.87 16.79
N GLY B 51 15.38 14.24 17.13
CA GLY B 51 16.00 14.53 18.41
C GLY B 51 15.09 14.28 19.60
N ALA B 52 14.28 13.22 19.52
CA ALA B 52 13.41 12.75 20.60
C ALA B 52 12.20 13.65 20.86
N SER B 53 12.37 14.97 20.77
CA SER B 53 11.31 15.86 21.23
C SER B 53 11.08 17.08 20.34
N SER B 54 11.73 17.19 19.18
CA SER B 54 11.55 18.34 18.30
C SER B 54 10.63 17.98 17.16
N ARG B 55 9.63 18.83 16.91
CA ARG B 55 8.71 18.64 15.81
C ARG B 55 9.37 19.06 14.50
N ALA B 56 9.28 18.18 13.49
CA ALA B 56 9.71 18.56 12.16
C ALA B 56 8.85 19.71 11.64
N THR B 57 9.35 20.33 10.57
CA THR B 57 8.64 21.45 9.98
C THR B 57 7.27 21.01 9.48
N GLY B 58 6.24 21.79 9.82
CA GLY B 58 4.89 21.51 9.38
C GLY B 58 4.13 20.50 10.21
N VAL B 59 4.76 19.85 11.16
CA VAL B 59 4.06 18.86 11.99
C VAL B 59 3.19 19.58 13.00
N PRO B 60 1.92 19.17 13.17
CA PRO B 60 1.04 19.85 14.12
C PRO B 60 1.48 19.67 15.56
N ASP B 61 1.06 20.64 16.40
CA ASP B 61 1.46 20.67 17.80
C ASP B 61 0.89 19.52 18.61
N ARG B 62 -0.14 18.82 18.12
CA ARG B 62 -0.68 17.70 18.89
C ARG B 62 0.29 16.52 18.94
N PHE B 63 1.26 16.47 18.04
CA PHE B 63 2.32 15.46 18.09
C PHE B 63 3.47 15.98 18.95
N SER B 64 3.88 15.18 19.93
CA SER B 64 5.04 15.49 20.75
C SER B 64 5.76 14.20 21.09
N GLY B 65 7.07 14.31 21.32
CA GLY B 65 7.89 13.19 21.70
C GLY B 65 8.61 13.48 23.01
N SER B 66 8.86 12.43 23.77
CA SER B 66 9.62 12.56 25.01
C SER B 66 10.45 11.29 25.22
N GLY B 67 11.27 11.33 26.26
CA GLY B 67 12.03 10.17 26.69
C GLY B 67 13.52 10.43 26.65
N SER B 68 14.25 9.48 27.22
CA SER B 68 15.70 9.56 27.30
C SER B 68 16.23 8.21 27.72
N GLY B 69 17.45 7.92 27.30
CA GLY B 69 18.09 6.66 27.65
C GLY B 69 17.55 5.50 26.85
N THR B 70 16.66 4.73 27.46
CA THR B 70 16.14 3.53 26.84
C THR B 70 14.67 3.60 26.47
N ASP B 71 13.90 4.52 27.07
CA ASP B 71 12.46 4.58 26.93
C ASP B 71 12.08 5.90 26.28
N PHE B 72 11.41 5.83 25.12
CA PHE B 72 10.95 6.99 24.38
C PHE B 72 9.48 6.85 24.06
N ILE B 73 8.80 8.00 23.97
CA ILE B 73 7.33 8.03 23.88
C ILE B 73 6.91 9.07 22.84
N LEU B 74 6.06 8.66 21.90
CA LEU B 74 5.39 9.59 21.00
C LEU B 74 3.95 9.74 21.43
N THR B 75 3.51 10.99 21.60
CA THR B 75 2.16 11.27 22.07
C THR B 75 1.40 12.08 21.03
N ILE B 76 0.16 11.67 20.76
CA ILE B 76 -0.77 12.44 19.95
C ILE B 76 -1.89 12.89 20.88
N SER B 77 -1.86 14.16 21.28
CA SER B 77 -2.67 14.61 22.41
C SER B 77 -4.17 14.62 22.12
N ARG B 78 -4.55 14.75 20.84
CA ARG B 78 -5.98 14.70 20.49
C ARG B 78 -6.05 14.23 19.03
N LEU B 79 -6.27 12.93 18.86
CA LEU B 79 -6.22 12.30 17.54
C LEU B 79 -7.20 12.94 16.56
N GLU B 80 -6.72 13.16 15.35
CA GLU B 80 -7.57 13.50 14.22
C GLU B 80 -7.71 12.29 13.31
N PRO B 81 -8.79 12.19 12.53
CA PRO B 81 -8.96 11.00 11.67
C PRO B 81 -7.80 10.81 10.70
N GLU B 82 -7.20 11.89 10.22
CA GLU B 82 -6.09 11.76 9.28
C GLU B 82 -4.83 11.18 9.92
N ASP B 83 -4.83 10.94 11.24
CA ASP B 83 -3.67 10.40 11.92
C ASP B 83 -3.57 8.88 11.80
N PHE B 84 -4.50 8.25 11.10
CA PHE B 84 -4.39 6.84 10.75
C PHE B 84 -3.13 6.60 9.94
N ALA B 85 -2.20 5.80 10.49
CA ALA B 85 -0.91 5.57 9.85
C ALA B 85 -0.15 4.52 10.64
N VAL B 86 1.04 4.19 10.16
CA VAL B 86 2.01 3.43 10.93
C VAL B 86 3.09 4.39 11.40
N TYR B 87 3.42 4.31 12.68
CA TYR B 87 4.42 5.18 13.29
C TYR B 87 5.65 4.34 13.64
N TYR B 88 6.82 4.79 13.18
CA TYR B 88 8.08 4.13 13.46
C TYR B 88 8.96 5.02 14.31
N CYS B 89 9.68 4.42 15.25
CA CYS B 89 10.83 5.09 15.84
C CYS B 89 12.08 4.64 15.10
N GLN B 90 13.12 5.47 15.17
CA GLN B 90 14.34 5.30 14.39
C GLN B 90 15.52 5.81 15.20
N GLN B 91 16.65 5.11 15.10
CA GLN B 91 17.86 5.55 15.77
C GLN B 91 19.02 5.50 14.78
N TYR B 92 20.06 6.27 15.09
CA TYR B 92 21.24 6.41 14.25
C TYR B 92 22.44 6.45 15.18
N ASP B 93 23.41 5.56 14.96
CA ASP B 93 24.60 5.48 15.80
C ASP B 93 25.83 6.04 15.10
N GLY B 94 25.63 6.95 14.15
CA GLY B 94 26.71 7.53 13.40
C GLY B 94 27.01 6.84 12.08
N SER B 95 26.79 5.53 12.01
CA SER B 95 27.05 4.76 10.80
C SER B 95 25.91 3.88 10.34
N GLN B 96 24.94 3.56 11.21
CA GLN B 96 23.82 2.71 10.83
C GLN B 96 22.51 3.30 11.35
N TYR B 97 21.48 3.21 10.52
CA TYR B 97 20.12 3.58 10.89
C TYR B 97 19.30 2.31 11.09
N THR B 98 18.60 2.21 12.22
CA THR B 98 17.66 1.12 12.46
C THR B 98 16.29 1.70 12.81
N PHE B 99 15.25 0.94 12.48
CA PHE B 99 13.87 1.32 12.74
C PHE B 99 13.19 0.28 13.63
N GLY B 100 12.20 0.72 14.40
CA GLY B 100 11.29 -0.22 15.01
C GLY B 100 10.40 -0.86 13.97
N GLN B 101 9.69 -1.91 14.36
CA GLN B 101 8.81 -2.56 13.42
C GLN B 101 7.51 -1.78 13.19
N GLY B 102 7.23 -0.78 14.02
CA GLY B 102 6.14 0.15 13.78
C GLY B 102 4.92 -0.16 14.62
N THR B 103 4.14 0.87 14.90
CA THR B 103 2.85 0.77 15.57
C THR B 103 1.78 1.22 14.60
N LYS B 104 0.79 0.37 14.35
CA LYS B 104 -0.30 0.71 13.44
C LYS B 104 -1.45 1.34 14.23
N LEU B 105 -1.84 2.55 13.84
CA LEU B 105 -2.87 3.30 14.52
C LEU B 105 -4.16 3.20 13.71
N GLU B 106 -5.14 2.47 14.24
CA GLU B 106 -6.46 2.37 13.61
C GLU B 106 -7.40 3.37 14.27
N ILE B 107 -8.24 4.00 13.46
CA ILE B 107 -9.16 5.01 13.95
C ILE B 107 -10.47 4.33 14.27
N LYS B 108 -10.86 4.36 15.54
CA LYS B 108 -12.08 3.72 15.99
C LYS B 108 -13.29 4.55 15.58
N ARG B 109 -14.42 3.90 15.39
CA ARG B 109 -15.49 4.52 14.63
C ARG B 109 -16.80 3.80 14.95
N THR B 110 -17.91 4.52 14.75
CA THR B 110 -19.21 3.89 14.95
C THR B 110 -19.36 2.70 14.02
N VAL B 111 -20.10 1.70 14.49
CA VAL B 111 -20.34 0.54 13.65
C VAL B 111 -21.07 0.98 12.39
N ALA B 112 -20.66 0.41 11.26
CA ALA B 112 -21.25 0.70 9.96
C ALA B 112 -21.53 -0.62 9.27
N ALA B 113 -22.77 -0.82 8.85
CA ALA B 113 -23.15 -2.01 8.12
C ALA B 113 -22.66 -1.91 6.67
N PRO B 114 -22.31 -3.05 6.06
CA PRO B 114 -21.86 -3.01 4.67
C PRO B 114 -23.00 -2.89 3.68
N SER B 115 -22.71 -2.20 2.57
CA SER B 115 -23.53 -2.25 1.38
C SER B 115 -23.05 -3.41 0.52
N VAL B 116 -23.98 -4.29 0.13
CA VAL B 116 -23.62 -5.54 -0.54
C VAL B 116 -24.06 -5.46 -1.99
N PHE B 117 -23.13 -5.72 -2.90
CA PHE B 117 -23.40 -5.71 -4.33
C PHE B 117 -22.78 -6.95 -4.96
N ILE B 118 -23.45 -7.51 -5.96
CA ILE B 118 -22.93 -8.68 -6.65
C ILE B 118 -22.85 -8.37 -8.14
N PHE B 119 -21.81 -8.89 -8.78
CA PHE B 119 -21.58 -8.71 -10.22
C PHE B 119 -21.41 -10.07 -10.87
N PRO B 120 -22.27 -10.44 -11.81
CA PRO B 120 -22.02 -11.65 -12.61
C PRO B 120 -20.78 -11.47 -13.47
N PRO B 121 -20.27 -12.54 -14.07
CA PRO B 121 -19.16 -12.38 -15.02
C PRO B 121 -19.59 -11.52 -16.18
N SER B 122 -18.64 -10.75 -16.72
CA SER B 122 -18.92 -10.01 -17.93
C SER B 122 -19.01 -10.99 -19.10
N ASP B 123 -19.78 -10.59 -20.12
CA ASP B 123 -19.85 -11.40 -21.33
C ASP B 123 -18.47 -11.54 -21.97
N GLU B 124 -17.64 -10.51 -21.87
CA GLU B 124 -16.31 -10.55 -22.47
C GLU B 124 -15.45 -11.61 -21.80
N GLN B 125 -15.43 -11.61 -20.46
CA GLN B 125 -14.64 -12.63 -19.75
C GLN B 125 -15.13 -14.03 -20.07
N LEU B 126 -16.45 -14.22 -20.12
CA LEU B 126 -17.00 -15.55 -20.34
C LEU B 126 -16.61 -16.10 -21.72
N LYS B 127 -16.51 -15.22 -22.71
CA LYS B 127 -16.06 -15.63 -24.03
C LYS B 127 -14.61 -16.13 -24.02
N SER B 128 -13.84 -15.78 -23.00
CA SER B 128 -12.47 -16.26 -22.88
C SER B 128 -12.35 -17.57 -22.10
N GLY B 129 -13.47 -18.11 -21.63
CA GLY B 129 -13.45 -19.39 -20.93
C GLY B 129 -13.45 -19.33 -19.42
N THR B 130 -13.50 -18.13 -18.84
CA THR B 130 -13.45 -17.98 -17.39
C THR B 130 -14.64 -17.15 -16.91
N ALA B 131 -15.11 -17.46 -15.70
CA ALA B 131 -16.21 -16.72 -15.08
C ALA B 131 -15.79 -16.29 -13.67
N SER B 132 -15.70 -14.99 -13.45
CA SER B 132 -15.38 -14.44 -12.14
C SER B 132 -16.61 -13.72 -11.62
N VAL B 133 -17.13 -14.17 -10.48
CA VAL B 133 -18.29 -13.56 -9.84
C VAL B 133 -17.78 -12.76 -8.65
N VAL B 134 -18.19 -11.51 -8.55
CA VAL B 134 -17.63 -10.59 -7.56
C VAL B 134 -18.74 -10.12 -6.63
N CYS B 135 -18.54 -10.38 -5.34
CA CYS B 135 -19.38 -9.83 -4.29
C CYS B 135 -18.61 -8.71 -3.60
N LEU B 136 -19.25 -7.54 -3.48
CA LEU B 136 -18.62 -6.35 -2.94
C LEU B 136 -19.31 -5.97 -1.64
N LEU B 137 -18.53 -5.88 -0.56
CA LEU B 137 -19.01 -5.35 0.72
C LEU B 137 -18.34 -3.99 0.91
N ASN B 138 -19.14 -2.93 0.93
CA ASN B 138 -18.62 -1.58 0.82
C ASN B 138 -18.83 -0.80 2.11
N ASN B 139 -17.77 -0.15 2.58
CA ASN B 139 -17.84 0.88 3.62
C ASN B 139 -18.49 0.34 4.91
N PHE B 140 -17.83 -0.65 5.50
CA PHE B 140 -18.34 -1.22 6.75
C PHE B 140 -17.31 -1.06 7.86
N TYR B 141 -17.78 -1.20 9.09
CA TYR B 141 -16.95 -1.16 10.30
C TYR B 141 -17.67 -1.86 11.45
N PRO B 142 -16.96 -2.69 12.23
CA PRO B 142 -15.53 -3.00 12.12
C PRO B 142 -15.16 -3.91 10.96
N ARG B 143 -13.87 -4.25 10.93
CA ARG B 143 -13.28 -4.94 9.80
C ARG B 143 -13.85 -6.35 9.62
N GLU B 144 -14.14 -7.03 10.72
CA GLU B 144 -14.54 -8.44 10.65
C GLU B 144 -15.85 -8.58 9.90
N ALA B 145 -15.88 -9.51 8.95
CA ALA B 145 -17.06 -9.75 8.14
C ALA B 145 -17.00 -11.19 7.63
N LYS B 146 -18.17 -11.80 7.47
CA LYS B 146 -18.25 -13.17 6.97
C LYS B 146 -19.01 -13.17 5.66
N VAL B 147 -18.41 -13.76 4.63
CA VAL B 147 -19.00 -13.87 3.30
C VAL B 147 -19.06 -15.33 2.92
N GLN B 148 -20.22 -15.77 2.43
CA GLN B 148 -20.50 -17.17 2.16
C GLN B 148 -21.12 -17.28 0.77
N TRP B 149 -20.49 -18.07 -0.10
CA TRP B 149 -21.02 -18.33 -1.43
C TRP B 149 -21.90 -19.57 -1.44
N LYS B 150 -23.08 -19.45 -2.05
CA LYS B 150 -23.94 -20.59 -2.36
C LYS B 150 -24.21 -20.62 -3.85
N VAL B 151 -24.01 -21.78 -4.47
CA VAL B 151 -24.32 -21.98 -5.89
C VAL B 151 -25.42 -23.02 -5.96
N ASP B 152 -26.61 -22.60 -6.40
CA ASP B 152 -27.81 -23.45 -6.38
C ASP B 152 -28.01 -24.05 -5.00
N ASN B 153 -27.74 -23.24 -3.98
CA ASN B 153 -27.87 -23.54 -2.55
C ASN B 153 -26.78 -24.46 -2.02
N ALA B 154 -25.77 -24.78 -2.82
CA ALA B 154 -24.66 -25.59 -2.36
C ALA B 154 -23.56 -24.68 -1.82
N LEU B 155 -23.26 -24.82 -0.54
CA LEU B 155 -22.22 -24.01 0.09
C LEU B 155 -20.87 -24.30 -0.55
N GLN B 156 -20.12 -23.23 -0.85
CA GLN B 156 -18.89 -23.31 -1.63
C GLN B 156 -17.66 -23.17 -0.73
N SER B 157 -16.61 -23.95 -1.05
CA SER B 157 -15.35 -23.91 -0.32
C SER B 157 -14.18 -23.93 -1.29
N GLY B 158 -13.14 -23.16 -0.94
CA GLY B 158 -11.87 -23.20 -1.64
C GLY B 158 -11.88 -22.66 -3.06
N ASN B 159 -12.99 -22.09 -3.51
CA ASN B 159 -13.11 -21.57 -4.86
C ASN B 159 -13.31 -20.06 -4.88
N SER B 160 -13.12 -19.38 -3.75
CA SER B 160 -13.29 -17.94 -3.66
C SER B 160 -12.14 -17.35 -2.86
N GLN B 161 -11.85 -16.08 -3.15
CA GLN B 161 -10.72 -15.37 -2.56
C GLN B 161 -11.21 -13.99 -2.13
N GLU B 162 -10.85 -13.60 -0.90
CA GLU B 162 -11.26 -12.32 -0.35
C GLU B 162 -10.09 -11.34 -0.43
N SER B 163 -10.40 -10.08 -0.66
CA SER B 163 -9.42 -9.01 -0.58
C SER B 163 -10.03 -7.86 0.19
N VAL B 164 -9.29 -7.30 1.13
CA VAL B 164 -9.81 -6.26 2.00
C VAL B 164 -8.96 -5.00 1.82
N THR B 165 -9.64 -3.88 1.76
CA THR B 165 -9.05 -2.56 1.61
C THR B 165 -8.56 -2.05 2.96
N GLU B 166 -7.67 -1.06 2.92
CA GLU B 166 -7.25 -0.38 4.13
C GLU B 166 -8.33 0.60 4.58
N GLN B 167 -8.25 0.99 5.85
CA GLN B 167 -9.22 1.94 6.40
C GLN B 167 -9.31 3.18 5.51
N ASP B 168 -10.52 3.49 5.06
CA ASP B 168 -10.73 4.58 4.13
C ASP B 168 -10.41 5.91 4.79
N SER B 169 -9.78 6.80 4.02
CA SER B 169 -9.39 8.09 4.57
C SER B 169 -10.60 8.95 4.92
N LYS B 170 -11.66 8.87 4.11
CA LYS B 170 -12.80 9.76 4.29
C LYS B 170 -13.69 9.34 5.47
N ASP B 171 -13.86 8.04 5.70
CA ASP B 171 -14.83 7.61 6.69
C ASP B 171 -14.34 6.49 7.61
N SER B 172 -13.07 6.12 7.56
CA SER B 172 -12.49 5.10 8.44
C SER B 172 -13.17 3.73 8.31
N THR B 173 -13.86 3.49 7.19
CA THR B 173 -14.50 2.20 6.94
C THR B 173 -13.60 1.31 6.10
N TYR B 174 -13.94 0.03 6.08
CA TYR B 174 -13.29 -0.94 5.22
C TYR B 174 -14.23 -1.35 4.10
N SER B 175 -13.65 -1.94 3.07
CA SER B 175 -14.40 -2.57 2.01
C SER B 175 -13.73 -3.89 1.69
N LEU B 176 -14.50 -4.82 1.14
CA LEU B 176 -14.02 -6.16 0.93
C LEU B 176 -14.59 -6.69 -0.37
N SER B 177 -13.77 -7.42 -1.12
CA SER B 177 -14.25 -8.12 -2.30
C SER B 177 -14.09 -9.62 -2.07
N SER B 178 -15.10 -10.37 -2.46
CA SER B 178 -15.03 -11.83 -2.51
C SER B 178 -15.29 -12.24 -3.95
N THR B 179 -14.35 -12.95 -4.55
CA THR B 179 -14.40 -13.26 -5.97
C THR B 179 -14.47 -14.77 -6.13
N LEU B 180 -15.55 -15.24 -6.74
CA LEU B 180 -15.73 -16.65 -7.07
C LEU B 180 -15.30 -16.86 -8.52
N THR B 181 -14.33 -17.72 -8.73
CA THR B 181 -13.79 -17.99 -10.07
C THR B 181 -14.13 -19.41 -10.49
N LEU B 182 -14.76 -19.53 -11.65
CA LEU B 182 -15.13 -20.82 -12.23
C LEU B 182 -14.71 -20.83 -13.68
N SER B 183 -14.54 -22.03 -14.23
CA SER B 183 -14.45 -22.16 -15.68
C SER B 183 -15.79 -21.81 -16.30
N LYS B 184 -15.76 -21.42 -17.58
CA LYS B 184 -16.99 -21.12 -18.29
C LYS B 184 -17.93 -22.32 -18.30
N ALA B 185 -17.39 -23.52 -18.50
CA ALA B 185 -18.21 -24.72 -18.48
C ALA B 185 -18.80 -24.97 -17.10
N ASP B 186 -18.01 -24.74 -16.04
CA ASP B 186 -18.54 -24.90 -14.69
C ASP B 186 -19.63 -23.89 -14.40
N TYR B 187 -19.43 -22.65 -14.84
CA TYR B 187 -20.40 -21.59 -14.58
C TYR B 187 -21.75 -21.89 -15.21
N GLU B 188 -21.73 -22.33 -16.48
CA GLU B 188 -22.96 -22.55 -17.21
C GLU B 188 -23.73 -23.77 -16.73
N LYS B 189 -23.16 -24.58 -15.83
CA LYS B 189 -23.88 -25.74 -15.32
C LYS B 189 -24.87 -25.40 -14.22
N HIS B 190 -24.89 -24.15 -13.75
CA HIS B 190 -25.71 -23.78 -12.61
C HIS B 190 -26.52 -22.54 -12.94
N LYS B 191 -27.43 -22.20 -12.03
CA LYS B 191 -28.37 -21.10 -12.26
C LYS B 191 -28.23 -20.00 -11.21
N VAL B 192 -28.35 -20.32 -9.93
CA VAL B 192 -28.45 -19.33 -8.87
C VAL B 192 -27.09 -19.16 -8.20
N TYR B 193 -26.54 -17.96 -8.28
CA TYR B 193 -25.30 -17.61 -7.59
C TYR B 193 -25.62 -16.58 -6.52
N ALA B 194 -25.22 -16.89 -5.28
CA ALA B 194 -25.64 -16.12 -4.11
C ALA B 194 -24.45 -15.84 -3.21
N CYS B 195 -24.37 -14.61 -2.74
CA CYS B 195 -23.37 -14.14 -1.79
C CYS B 195 -24.10 -13.79 -0.50
N GLU B 196 -23.70 -14.40 0.61
CA GLU B 196 -24.33 -14.17 1.91
C GLU B 196 -23.35 -13.49 2.86
N VAL B 197 -23.77 -12.38 3.46
CA VAL B 197 -22.89 -11.50 4.23
C VAL B 197 -23.37 -11.41 5.67
N THR B 198 -22.45 -11.62 6.61
CA THR B 198 -22.73 -11.48 8.04
C THR B 198 -21.77 -10.47 8.63
N HIS B 199 -22.30 -9.54 9.44
CA HIS B 199 -21.52 -8.46 10.02
C HIS B 199 -22.32 -7.87 11.16
N GLN B 200 -21.64 -7.48 12.24
CA GLN B 200 -22.36 -7.06 13.44
C GLN B 200 -23.22 -5.83 13.21
N GLY B 201 -22.93 -5.04 12.18
CA GLY B 201 -23.75 -3.87 11.91
C GLY B 201 -25.10 -4.16 11.28
N LEU B 202 -25.31 -5.40 10.83
CA LEU B 202 -26.52 -5.78 10.13
C LEU B 202 -27.49 -6.45 11.08
N SER B 203 -28.77 -6.08 10.98
CA SER B 203 -29.79 -6.69 11.83
C SER B 203 -29.90 -8.18 11.59
N SER B 204 -29.88 -8.60 10.33
CA SER B 204 -29.90 -10.01 9.96
C SER B 204 -29.03 -10.17 8.72
N PRO B 205 -28.51 -11.39 8.49
CA PRO B 205 -27.58 -11.59 7.36
C PRO B 205 -28.21 -11.24 6.02
N VAL B 206 -27.39 -10.71 5.12
CA VAL B 206 -27.83 -10.16 3.84
C VAL B 206 -27.33 -11.06 2.72
N THR B 207 -28.23 -11.42 1.82
CA THR B 207 -27.91 -12.25 0.65
C THR B 207 -28.15 -11.47 -0.62
N LYS B 208 -27.13 -11.42 -1.48
CA LYS B 208 -27.27 -10.91 -2.83
C LYS B 208 -27.06 -12.05 -3.81
N SER B 209 -28.01 -12.24 -4.73
CA SER B 209 -27.98 -13.36 -5.65
C SER B 209 -28.47 -12.93 -7.02
N PHE B 210 -28.19 -13.77 -8.02
CA PHE B 210 -28.69 -13.55 -9.38
C PHE B 210 -28.87 -14.90 -10.07
N ASN B 211 -29.76 -14.92 -11.05
CA ASN B 211 -29.92 -16.05 -11.96
C ASN B 211 -29.17 -15.75 -13.24
N ARG B 212 -28.43 -16.73 -13.75
CA ARG B 212 -27.64 -16.54 -14.97
C ARG B 212 -28.50 -16.03 -16.12
#